data_6HGI
#
_entry.id   6HGI
#
_cell.length_a   72.615
_cell.length_b   75.490
_cell.length_c   79.130
_cell.angle_alpha   90.00
_cell.angle_beta   90.00
_cell.angle_gamma   90.00
#
_symmetry.space_group_name_H-M   'P 21 21 21'
#
loop_
_entity.id
_entity.type
_entity.pdbx_description
1 polymer Alpha-1-antichymotrypsin
2 polymer Alpha-1-antichymotrypsin
3 non-polymer CORTICOSTERONE
4 water water
#
loop_
_entity_poly.entity_id
_entity_poly.type
_entity_poly.pdbx_seq_one_letter_code
_entity_poly.pdbx_strand_id
1 'polypeptide(L)'
;MKHHHHHHMKQNSPLDEENLTQENQDRGTHVDRGLASANVDFAFSLYKQLVLKAPDKNVIFSPVSISTALAFLSLGAHNT
TLTEILKGLKFNLTETSEAEIHQSFQHLLRTLNQSSDELQLSMGNAMFVKEQLSLLDRFTEDAKRLYGSEAFATDFQDSA
AAKKLINDYVKNGTRGKITDLIKDLDSQTMMVLVNYIFFKAKWEMPFDPQDTHQSRFYLSKKKWVMVPMMSLHHLTIPYF
RDEELSCTVVQLNYTGNASVFFILPDQDKMEEVEAMLSRETLARWGDSLEFREIGELYLPKFSISRDYNLNDILLQLGIE
EAFTSKADLSGITGARNLAVSQVVHKAVLDVFEEGTEASAATAVKITLL
;
A
2 'polypeptide(L)' SALVETRTIVRFNRPFLMIIVDHFTWSIFFMSKVTNPKQA B
#
loop_
_chem_comp.id
_chem_comp.type
_chem_comp.name
_chem_comp.formula
C0R non-polymer CORTICOSTERONE 'C21 H30 O4'
#
# COMPACT_ATOMS: atom_id res chain seq x y z
N ASP A 32 14.87 -7.92 -10.53
N ASP A 32 14.59 -6.11 -8.15
CA ASP A 32 16.11 -7.58 -9.85
CA ASP A 32 15.26 -4.83 -7.91
C ASP A 32 15.88 -7.04 -8.44
C ASP A 32 15.52 -4.62 -6.42
N ARG A 33 14.66 -6.57 -8.17
N ARG A 33 16.70 -5.04 -5.94
CA ARG A 33 14.23 -6.10 -6.84
CA ARG A 33 16.96 -5.06 -4.51
C ARG A 33 15.01 -4.86 -6.38
C ARG A 33 17.06 -3.65 -3.93
N GLY A 34 15.35 -3.97 -7.34
N GLY A 34 17.64 -2.71 -4.69
CA GLY A 34 16.18 -2.83 -7.03
CA GLY A 34 17.74 -1.34 -4.20
C GLY A 34 15.53 -1.80 -6.12
C GLY A 34 16.41 -0.66 -4.07
N LEU A 35 14.21 -1.66 -6.20
N LEU A 35 15.49 -0.94 -5.02
CA LEU A 35 13.50 -0.69 -5.38
CA LEU A 35 14.13 -0.41 -4.90
C LEU A 35 13.19 -1.18 -3.98
C LEU A 35 13.38 -1.12 -3.78
N ALA A 36 13.48 -2.45 -3.67
CA ALA A 36 12.78 -3.12 -2.59
C ALA A 36 13.25 -2.64 -1.23
N SER A 37 14.55 -2.34 -1.08
CA SER A 37 15.05 -1.94 0.22
CA SER A 37 15.07 -1.93 0.22
C SER A 37 14.51 -0.57 0.63
N ALA A 38 14.52 0.40 -0.30
CA ALA A 38 13.93 1.70 0.01
C ALA A 38 12.44 1.58 0.23
N ASN A 39 11.75 0.86 -0.66
CA ASN A 39 10.30 0.79 -0.58
C ASN A 39 9.85 0.08 0.70
N VAL A 40 10.59 -0.92 1.19
CA VAL A 40 10.18 -1.56 2.43
C VAL A 40 10.54 -0.71 3.64
N ASP A 41 11.67 0.01 3.61
CA ASP A 41 11.94 0.97 4.67
C ASP A 41 10.84 2.02 4.74
N PHE A 42 10.40 2.49 3.58
CA PHE A 42 9.33 3.48 3.53
C PHE A 42 8.04 2.92 4.09
N ALA A 43 7.72 1.67 3.70
CA ALA A 43 6.50 1.02 4.17
C ALA A 43 6.41 1.01 5.68
N PHE A 44 7.49 0.62 6.36
CA PHE A 44 7.41 0.53 7.81
C PHE A 44 7.48 1.90 8.48
N SER A 45 8.18 2.87 7.87
CA SER A 45 8.15 4.23 8.41
C SER A 45 6.75 4.80 8.34
N LEU A 46 6.06 4.59 7.21
CA LEU A 46 4.68 5.01 7.06
C LEU A 46 3.79 4.33 8.09
N TYR A 47 3.90 3.00 8.21
CA TYR A 47 3.06 2.27 9.15
C TYR A 47 3.13 2.88 10.54
N LYS A 48 4.35 3.11 11.02
CA LYS A 48 4.51 3.62 12.37
C LYS A 48 3.89 5.00 12.53
N GLN A 49 3.97 5.84 11.51
CA GLN A 49 3.34 7.16 11.63
C GLN A 49 1.84 7.06 11.54
N LEU A 50 1.33 6.14 10.71
CA LEU A 50 -0.12 5.98 10.62
C LEU A 50 -0.69 5.54 11.95
N VAL A 51 -0.02 4.61 12.64
CA VAL A 51 -0.49 4.14 13.93
C VAL A 51 -0.44 5.25 14.95
N LEU A 52 0.58 6.07 14.93
CA LEU A 52 0.69 7.17 15.87
C LEU A 52 -0.52 8.09 15.86
N LYS A 53 -1.02 8.37 14.69
CA LYS A 53 -2.16 9.20 14.56
C LYS A 53 -3.43 8.60 15.18
N ALA A 54 -3.64 7.30 15.08
CA ALA A 54 -4.83 6.66 15.62
C ALA A 54 -4.47 5.26 16.06
N PRO A 55 -4.01 5.16 17.30
CA PRO A 55 -3.41 3.93 17.79
C PRO A 55 -4.25 2.68 17.90
N ASP A 56 -5.51 2.81 18.01
CA ASP A 56 -6.36 1.64 18.15
C ASP A 56 -7.19 1.34 16.90
N LYS A 57 -6.99 2.09 15.81
CA LYS A 57 -7.82 1.85 14.64
C LYS A 57 -7.20 0.78 13.74
N ASN A 58 -8.04 0.16 12.92
CA ASN A 58 -7.52 -0.66 11.84
C ASN A 58 -6.60 0.17 10.97
N VAL A 59 -5.63 -0.49 10.35
CA VAL A 59 -4.75 0.13 9.37
C VAL A 59 -4.81 -0.71 8.11
N ILE A 60 -4.97 -0.06 6.96
CA ILE A 60 -4.77 -0.75 5.68
C ILE A 60 -4.26 0.30 4.70
N PHE A 61 -3.12 0.04 4.07
CA PHE A 61 -2.62 0.98 3.06
C PHE A 61 -1.72 0.21 2.11
N SER A 62 -1.44 0.82 0.96
CA SER A 62 -0.53 0.20 -0.01
C SER A 62 0.74 1.04 -0.03
N PRO A 63 1.83 0.54 0.55
CA PRO A 63 3.10 1.26 0.46
C PRO A 63 3.56 1.47 -0.97
N VAL A 64 3.41 0.46 -1.85
CA VAL A 64 3.93 0.62 -3.20
C VAL A 64 3.15 1.67 -3.98
N SER A 65 1.85 1.84 -3.68
CA SER A 65 1.08 2.87 -4.35
C SER A 65 1.57 4.26 -3.96
N ILE A 66 1.80 4.46 -2.66
CA ILE A 66 2.27 5.77 -2.19
C ILE A 66 3.69 6.04 -2.70
N SER A 67 4.58 5.05 -2.62
CA SER A 67 5.93 5.24 -3.17
C SER A 67 5.90 5.63 -4.64
N THR A 68 5.10 4.90 -5.44
CA THR A 68 5.03 5.19 -6.86
C THR A 68 4.44 6.57 -7.12
N ALA A 69 3.40 6.96 -6.39
CA ALA A 69 2.82 8.27 -6.60
C ALA A 69 3.82 9.37 -6.27
N LEU A 70 4.60 9.18 -5.21
CA LEU A 70 5.54 10.23 -4.85
C LEU A 70 6.76 10.21 -5.76
N ALA A 71 7.16 9.04 -6.25
CA ALA A 71 8.20 9.02 -7.29
C ALA A 71 7.73 9.72 -8.55
N PHE A 72 6.49 9.50 -8.95
CA PHE A 72 5.90 10.22 -10.06
C PHE A 72 5.95 11.73 -9.82
N LEU A 73 5.52 12.18 -8.63
CA LEU A 73 5.67 13.60 -8.30
C LEU A 73 7.11 14.06 -8.44
N SER A 74 8.05 13.23 -8.02
CA SER A 74 9.46 13.67 -8.04
C SER A 74 9.98 13.86 -9.45
N LEU A 75 9.34 13.24 -10.45
CA LEU A 75 9.72 13.47 -11.84
C LEU A 75 9.67 14.96 -12.19
N GLY A 76 8.72 15.69 -11.61
CA GLY A 76 8.61 17.11 -11.84
C GLY A 76 9.31 18.01 -10.84
N ALA A 77 9.97 17.44 -9.83
CA ALA A 77 10.55 18.20 -8.72
C ALA A 77 12.00 18.54 -9.04
N HIS A 78 12.46 19.64 -8.45
CA HIS A 78 13.81 20.13 -8.65
C HIS A 78 14.36 20.58 -7.32
N ASN A 79 15.69 20.54 -7.19
CA ASN A 79 16.42 21.17 -6.07
C ASN A 79 15.96 20.56 -4.74
N THR A 80 15.71 21.38 -3.72
CA THR A 80 15.45 20.85 -2.38
C THR A 80 14.14 20.09 -2.36
N THR A 81 13.16 20.53 -3.17
CA THR A 81 11.89 19.82 -3.24
C THR A 81 12.13 18.37 -3.68
N LEU A 82 12.94 18.19 -4.72
CA LEU A 82 13.26 16.85 -5.20
C LEU A 82 14.04 16.03 -4.17
N THR A 83 15.11 16.60 -3.62
CA THR A 83 15.91 15.89 -2.63
C THR A 83 15.08 15.38 -1.46
N GLU A 84 14.17 16.21 -0.96
CA GLU A 84 13.37 15.84 0.20
C GLU A 84 12.44 14.68 -0.14
N ILE A 85 11.86 14.69 -1.34
CA ILE A 85 10.96 13.60 -1.70
C ILE A 85 11.72 12.30 -1.78
N LEU A 86 12.84 12.29 -2.50
CA LEU A 86 13.57 11.04 -2.71
C LEU A 86 14.17 10.53 -1.40
N LYS A 87 14.67 11.44 -0.57
CA LYS A 87 15.13 11.02 0.75
C LYS A 87 13.98 10.49 1.59
N GLY A 88 12.82 11.13 1.50
CA GLY A 88 11.68 10.70 2.31
C GLY A 88 11.22 9.32 1.91
N LEU A 89 11.37 8.98 0.63
CA LEU A 89 11.04 7.65 0.10
C LEU A 89 12.09 6.62 0.48
N LYS A 90 13.16 7.05 1.14
CA LYS A 90 14.19 6.24 1.79
C LYS A 90 15.27 5.80 0.81
N PHE A 91 15.41 6.51 -0.30
CA PHE A 91 16.53 6.27 -1.19
C PHE A 91 17.77 6.93 -0.63
N ASN A 92 18.92 6.33 -0.93
CA ASN A 92 20.23 6.85 -0.54
C ASN A 92 20.76 7.67 -1.71
N LEU A 93 20.68 8.98 -1.60
CA LEU A 93 21.01 9.80 -2.75
C LEU A 93 22.52 9.96 -2.93
N THR A 94 23.34 9.45 -2.02
CA THR A 94 24.76 9.38 -2.36
C THR A 94 25.08 8.19 -3.24
N GLU A 95 24.18 7.22 -3.38
CA GLU A 95 24.45 5.99 -4.10
C GLU A 95 23.54 5.73 -5.29
N THR A 96 22.54 6.58 -5.54
CA THR A 96 21.68 6.37 -6.70
C THR A 96 21.30 7.72 -7.27
N SER A 97 20.74 7.70 -8.46
CA SER A 97 20.34 8.91 -9.16
C SER A 97 18.84 8.91 -9.36
N GLU A 98 18.30 10.11 -9.57
CA GLU A 98 16.89 10.19 -9.95
CA GLU A 98 16.90 10.21 -9.96
C GLU A 98 16.62 9.36 -11.19
N ALA A 99 17.52 9.43 -12.19
CA ALA A 99 17.33 8.65 -13.41
C ALA A 99 17.19 7.16 -13.11
N GLU A 100 18.05 6.62 -12.24
CA GLU A 100 17.99 5.21 -11.89
C GLU A 100 16.69 4.91 -11.15
N ILE A 101 16.24 5.84 -10.31
CA ILE A 101 15.02 5.61 -9.55
C ILE A 101 13.81 5.53 -10.48
N HIS A 102 13.69 6.50 -11.39
CA HIS A 102 12.57 6.49 -12.32
C HIS A 102 12.59 5.25 -13.20
N GLN A 103 13.77 4.86 -13.68
CA GLN A 103 13.86 3.62 -14.47
C GLN A 103 13.44 2.41 -13.63
N SER A 104 13.76 2.41 -12.33
CA SER A 104 13.34 1.31 -11.48
C SER A 104 11.83 1.28 -11.30
N PHE A 105 11.18 2.44 -11.18
CA PHE A 105 9.72 2.40 -11.09
C PHE A 105 9.09 2.01 -12.40
N GLN A 106 9.68 2.43 -13.53
CA GLN A 106 9.21 1.98 -14.83
C GLN A 106 9.25 0.46 -14.91
N HIS A 107 10.35 -0.14 -14.44
CA HIS A 107 10.48 -1.59 -14.53
C HIS A 107 9.50 -2.28 -13.60
N LEU A 108 9.32 -1.73 -12.39
CA LEU A 108 8.35 -2.28 -11.46
C LEU A 108 6.96 -2.27 -12.06
N LEU A 109 6.55 -1.13 -12.64
CA LEU A 109 5.22 -1.03 -13.22
C LEU A 109 5.02 -2.05 -14.34
N ARG A 110 6.04 -2.20 -15.20
CA ARG A 110 5.93 -3.18 -16.27
CA ARG A 110 5.94 -3.18 -16.27
C ARG A 110 5.79 -4.59 -15.71
N THR A 111 6.53 -4.90 -14.66
CA THR A 111 6.46 -6.23 -14.08
C THR A 111 5.11 -6.47 -13.43
N LEU A 112 4.57 -5.48 -12.71
CA LEU A 112 3.31 -5.70 -12.02
C LEU A 112 2.15 -5.83 -12.99
N ASN A 113 2.24 -5.17 -14.14
CA ASN A 113 1.16 -5.19 -15.12
C ASN A 113 1.31 -6.31 -16.13
N GLN A 114 2.29 -7.19 -15.95
CA GLN A 114 2.45 -8.26 -16.91
C GLN A 114 1.24 -9.19 -16.84
N SER A 115 0.97 -9.86 -17.96
CA SER A 115 -0.15 -10.77 -18.00
C SER A 115 0.08 -11.95 -17.07
N SER A 116 -0.99 -12.43 -16.46
CA SER A 116 -0.93 -13.55 -15.54
C SER A 116 -2.28 -14.23 -15.57
N ASP A 117 -2.29 -15.57 -15.59
CA ASP A 117 -3.52 -16.32 -15.45
C ASP A 117 -3.86 -16.59 -13.99
N GLU A 118 -2.87 -16.49 -13.09
CA GLU A 118 -3.01 -16.92 -11.71
C GLU A 118 -3.60 -15.82 -10.83
N LEU A 119 -3.06 -14.62 -10.94
CA LEU A 119 -3.37 -13.53 -10.04
C LEU A 119 -3.80 -12.34 -10.88
N GLN A 120 -4.79 -11.57 -10.39
CA GLN A 120 -5.13 -10.29 -11.02
C GLN A 120 -4.38 -9.20 -10.28
N LEU A 121 -3.52 -8.49 -11.00
CA LEU A 121 -2.72 -7.43 -10.39
C LEU A 121 -2.57 -6.34 -11.43
N SER A 122 -2.88 -5.12 -11.05
CA SER A 122 -2.79 -4.01 -11.99
CA SER A 122 -2.80 -4.01 -11.99
C SER A 122 -2.37 -2.77 -11.22
N MET A 123 -1.56 -1.94 -11.85
CA MET A 123 -1.21 -0.64 -11.27
C MET A 123 -1.20 0.38 -12.39
N GLY A 124 -1.87 1.51 -12.18
CA GLY A 124 -1.89 2.56 -13.18
C GLY A 124 -1.57 3.91 -12.55
N ASN A 125 -1.08 4.82 -13.39
CA ASN A 125 -0.87 6.21 -13.03
C ASN A 125 -1.57 7.11 -14.04
N ALA A 126 -2.03 8.27 -13.57
CA ALA A 126 -2.64 9.23 -14.47
C ALA A 126 -2.40 10.62 -13.94
N MET A 127 -2.48 11.62 -14.85
CA MET A 127 -2.44 13.01 -14.43
C MET A 127 -3.65 13.72 -15.02
N PHE A 128 -4.35 14.47 -14.19
CA PHE A 128 -5.52 15.26 -14.54
C PHE A 128 -5.09 16.71 -14.42
N VAL A 129 -5.14 17.45 -15.52
CA VAL A 129 -4.48 18.76 -15.59
CA VAL A 129 -4.48 18.76 -15.58
C VAL A 129 -5.40 19.78 -16.21
N LYS A 130 -5.40 20.99 -15.66
CA LYS A 130 -6.11 22.10 -16.31
C LYS A 130 -5.55 22.30 -17.71
N GLU A 131 -6.44 22.44 -18.70
CA GLU A 131 -5.95 22.44 -20.09
C GLU A 131 -5.00 23.61 -20.34
N GLN A 132 -5.28 24.76 -19.73
CA GLN A 132 -4.48 25.97 -19.96
C GLN A 132 -3.12 25.92 -19.29
N LEU A 133 -2.86 24.98 -18.39
CA LEU A 133 -1.55 24.92 -17.76
C LEU A 133 -0.53 24.40 -18.75
N SER A 134 0.54 25.17 -18.98
CA SER A 134 1.57 24.77 -19.93
C SER A 134 2.52 23.77 -19.27
N LEU A 135 2.61 22.56 -19.82
CA LEU A 135 3.49 21.52 -19.32
C LEU A 135 4.70 21.37 -20.23
N LEU A 136 5.85 21.10 -19.64
CA LEU A 136 7.03 20.77 -20.43
C LEU A 136 6.77 19.50 -21.23
N ASP A 137 7.16 19.52 -22.50
CA ASP A 137 7.09 18.29 -23.29
C ASP A 137 7.88 17.17 -22.63
N ARG A 138 9.04 17.51 -22.06
CA ARG A 138 9.86 16.49 -21.43
C ARG A 138 9.13 15.83 -20.27
N PHE A 139 8.31 16.62 -19.54
CA PHE A 139 7.57 16.06 -18.42
C PHE A 139 6.50 15.10 -18.88
N THR A 140 5.65 15.51 -19.84
CA THR A 140 4.56 14.63 -20.24
C THR A 140 5.08 13.40 -20.95
N GLU A 141 6.14 13.57 -21.74
CA GLU A 141 6.76 12.43 -22.40
C GLU A 141 7.37 11.47 -21.38
N ASP A 142 8.08 12.00 -20.37
CA ASP A 142 8.65 11.14 -19.35
C ASP A 142 7.55 10.49 -18.50
N ALA A 143 6.47 11.23 -18.22
CA ALA A 143 5.39 10.66 -17.40
C ALA A 143 4.76 9.47 -18.11
N LYS A 144 4.56 9.59 -19.42
CA LYS A 144 4.02 8.46 -20.19
C LYS A 144 5.01 7.31 -20.27
N ARG A 145 6.29 7.62 -20.54
CA ARG A 145 7.27 6.57 -20.80
C ARG A 145 7.64 5.82 -19.53
N LEU A 146 7.82 6.53 -18.42
CA LEU A 146 8.33 5.95 -17.20
C LEU A 146 7.20 5.46 -16.29
N TYR A 147 6.13 6.24 -16.18
CA TYR A 147 5.04 5.94 -15.25
C TYR A 147 3.78 5.48 -15.96
N GLY A 148 3.80 5.40 -17.29
CA GLY A 148 2.60 4.99 -18.00
C GLY A 148 1.43 5.92 -17.89
N SER A 149 1.69 7.21 -17.62
CA SER A 149 0.64 8.17 -17.34
C SER A 149 0.26 8.97 -18.57
N GLU A 150 -1.02 9.00 -18.88
CA GLU A 150 -1.54 10.00 -19.79
C GLU A 150 -1.75 11.31 -19.05
N ALA A 151 -2.07 12.36 -19.80
CA ALA A 151 -2.42 13.67 -19.25
C ALA A 151 -3.81 14.03 -19.74
N PHE A 152 -4.78 14.00 -18.84
CA PHE A 152 -6.18 14.18 -19.17
C PHE A 152 -6.61 15.60 -18.84
N ALA A 153 -7.07 16.33 -19.85
CA ALA A 153 -7.58 17.68 -19.63
C ALA A 153 -8.82 17.67 -18.74
N THR A 154 -8.75 18.40 -17.62
CA THR A 154 -9.74 18.37 -16.57
C THR A 154 -10.09 19.82 -16.21
N ASP A 155 -11.38 20.12 -16.14
CA ASP A 155 -11.80 21.47 -15.73
C ASP A 155 -12.10 21.44 -14.24
N PHE A 156 -11.11 21.85 -13.43
CA PHE A 156 -11.27 21.82 -11.98
C PHE A 156 -12.21 22.89 -11.48
N GLN A 157 -12.47 23.93 -12.29
CA GLN A 157 -13.46 24.92 -11.89
C GLN A 157 -14.87 24.33 -11.92
N ASP A 158 -15.08 23.27 -12.69
CA ASP A 158 -16.27 22.42 -12.54
C ASP A 158 -15.90 21.31 -11.56
N SER A 159 -15.85 21.68 -10.29
CA SER A 159 -15.19 20.84 -9.28
C SER A 159 -15.89 19.49 -9.13
N ALA A 160 -17.22 19.49 -9.06
CA ALA A 160 -17.95 18.23 -8.91
C ALA A 160 -17.67 17.29 -10.07
N ALA A 161 -17.59 17.83 -11.29
CA ALA A 161 -17.33 16.99 -12.45
C ALA A 161 -15.90 16.49 -12.47
N ALA A 162 -14.94 17.36 -12.13
CA ALA A 162 -13.55 16.91 -12.04
C ALA A 162 -13.39 15.82 -10.99
N LYS A 163 -14.02 16.00 -9.84
CA LYS A 163 -13.99 14.99 -8.78
C LYS A 163 -14.55 13.66 -9.30
N LYS A 164 -15.67 13.71 -10.01
CA LYS A 164 -16.27 12.46 -10.49
C LYS A 164 -15.37 11.79 -11.54
N LEU A 165 -14.73 12.56 -12.39
CA LEU A 165 -13.84 12.01 -13.37
C LEU A 165 -12.68 11.26 -12.73
N ILE A 166 -12.03 11.91 -11.79
CA ILE A 166 -10.89 11.27 -11.13
C ILE A 166 -11.35 10.05 -10.36
N ASN A 167 -12.46 10.17 -9.63
CA ASN A 167 -12.96 9.02 -8.88
C ASN A 167 -13.37 7.89 -9.82
N ASP A 168 -13.88 8.22 -11.02
CA ASP A 168 -14.25 7.19 -11.98
C ASP A 168 -13.04 6.46 -12.53
N TYR A 169 -11.95 7.19 -12.76
CA TYR A 169 -10.71 6.58 -13.19
C TYR A 169 -10.24 5.58 -12.14
N VAL A 170 -10.26 5.99 -10.88
CA VAL A 170 -9.84 5.08 -9.82
C VAL A 170 -10.82 3.91 -9.71
N LYS A 171 -12.12 4.19 -9.78
CA LYS A 171 -13.10 3.09 -9.73
CA LYS A 171 -13.09 3.08 -9.72
C LYS A 171 -12.85 2.08 -10.83
N ASN A 172 -12.57 2.55 -12.04
CA ASN A 172 -12.29 1.64 -13.15
C ASN A 172 -11.04 0.81 -12.89
N GLY A 173 -9.98 1.44 -12.39
CA GLY A 173 -8.75 0.70 -12.16
C GLY A 173 -8.88 -0.32 -11.04
N THR A 174 -9.71 -0.02 -10.04
CA THR A 174 -9.85 -0.90 -8.88
C THR A 174 -11.10 -1.78 -8.95
N ARG A 175 -11.66 -1.95 -10.15
CA ARG A 175 -12.84 -2.79 -10.33
C ARG A 175 -14.00 -2.43 -9.40
N GLY A 176 -14.13 -1.13 -9.11
CA GLY A 176 -15.17 -0.62 -8.26
C GLY A 176 -14.88 -0.62 -6.78
N LYS A 177 -13.69 -1.02 -6.36
CA LYS A 177 -13.45 -1.19 -4.93
C LYS A 177 -13.05 0.11 -4.23
N ILE A 178 -12.44 1.07 -4.94
CA ILE A 178 -12.11 2.38 -4.35
C ILE A 178 -12.98 3.41 -5.04
N THR A 179 -13.96 3.96 -4.31
CA THR A 179 -14.99 4.78 -4.94
C THR A 179 -14.89 6.27 -4.66
N ASP A 180 -14.28 6.68 -3.58
CA ASP A 180 -14.37 8.08 -3.20
C ASP A 180 -13.01 8.55 -2.74
N LEU A 181 -11.99 8.23 -3.53
CA LEU A 181 -10.64 8.70 -3.21
C LEU A 181 -10.63 10.19 -2.99
N ILE A 182 -11.22 10.94 -3.93
CA ILE A 182 -11.30 12.38 -3.85
C ILE A 182 -12.60 12.76 -3.19
N LYS A 183 -12.50 13.42 -2.04
CA LYS A 183 -13.66 13.89 -1.31
C LYS A 183 -13.84 15.39 -1.50
N ASP A 184 -12.85 16.17 -1.08
CA ASP A 184 -12.82 17.59 -1.34
C ASP A 184 -11.90 17.85 -2.52
N LEU A 185 -12.20 18.82 -3.34
CA LEU A 185 -11.35 19.19 -4.44
C LEU A 185 -11.48 20.66 -4.70
N ASP A 186 -10.43 21.39 -4.43
CA ASP A 186 -10.41 22.85 -4.60
C ASP A 186 -10.66 23.22 -6.06
N SER A 187 -11.56 24.17 -6.29
CA SER A 187 -11.80 24.62 -7.66
C SER A 187 -10.57 25.24 -8.31
N GLN A 188 -9.58 25.67 -7.53
CA GLN A 188 -8.36 26.25 -8.07
C GLN A 188 -7.25 25.23 -8.26
N THR A 189 -7.56 23.95 -8.13
CA THR A 189 -6.57 22.91 -8.41
C THR A 189 -6.08 23.04 -9.86
N MET A 190 -4.79 22.78 -10.07
CA MET A 190 -4.19 22.77 -11.41
C MET A 190 -3.91 21.37 -11.92
N MET A 191 -3.57 20.45 -11.03
CA MET A 191 -3.16 19.12 -11.43
CA MET A 191 -3.14 19.12 -11.42
C MET A 191 -3.43 18.15 -10.30
N VAL A 192 -3.79 16.92 -10.67
CA VAL A 192 -3.84 15.82 -9.71
C VAL A 192 -3.10 14.66 -10.34
N LEU A 193 -2.12 14.12 -9.62
CA LEU A 193 -1.44 12.89 -9.99
C LEU A 193 -2.09 11.76 -9.24
N VAL A 194 -2.40 10.67 -9.94
CA VAL A 194 -3.11 9.55 -9.32
C VAL A 194 -2.38 8.26 -9.61
N ASN A 195 -2.31 7.39 -8.60
CA ASN A 195 -1.86 6.01 -8.70
C ASN A 195 -2.94 5.12 -8.14
N TYR A 196 -3.19 3.98 -8.77
CA TYR A 196 -4.00 2.94 -8.14
C TYR A 196 -3.31 1.60 -8.25
N ILE A 197 -3.68 0.70 -7.35
CA ILE A 197 -3.27 -0.70 -7.41
C ILE A 197 -4.51 -1.57 -7.15
N PHE A 198 -4.64 -2.65 -7.91
CA PHE A 198 -5.72 -3.60 -7.76
C PHE A 198 -5.10 -4.99 -7.63
N PHE A 199 -5.58 -5.76 -6.67
CA PHE A 199 -5.02 -7.08 -6.38
C PHE A 199 -6.16 -8.04 -6.09
N LYS A 200 -6.24 -9.13 -6.84
CA LYS A 200 -7.26 -10.15 -6.55
C LYS A 200 -6.61 -11.50 -6.73
N ALA A 201 -6.55 -12.28 -5.66
CA ALA A 201 -5.74 -13.49 -5.64
C ALA A 201 -6.54 -14.62 -5.02
N LYS A 202 -6.21 -15.85 -5.44
CA LYS A 202 -6.77 -17.06 -4.83
C LYS A 202 -5.74 -17.65 -3.88
N TRP A 203 -6.21 -18.17 -2.74
CA TRP A 203 -5.33 -18.93 -1.87
C TRP A 203 -4.82 -20.17 -2.57
N GLU A 204 -3.57 -20.51 -2.30
CA GLU A 204 -3.08 -21.81 -2.72
C GLU A 204 -3.82 -22.94 -2.02
N MET A 205 -4.19 -22.73 -0.75
CA MET A 205 -4.97 -23.67 0.04
C MET A 205 -6.23 -22.96 0.49
N PRO A 206 -7.29 -22.95 -0.30
CA PRO A 206 -8.46 -22.16 0.09
C PRO A 206 -9.22 -22.78 1.25
N PHE A 207 -9.92 -21.91 1.97
CA PHE A 207 -10.75 -22.34 3.09
C PHE A 207 -12.06 -22.90 2.55
N ASP A 208 -12.58 -23.93 3.20
CA ASP A 208 -13.89 -24.45 2.84
C ASP A 208 -14.95 -23.66 3.60
N PRO A 209 -15.86 -22.99 2.91
CA PRO A 209 -16.90 -22.24 3.63
C PRO A 209 -17.71 -23.08 4.61
N GLN A 210 -17.75 -24.41 4.44
CA GLN A 210 -18.42 -25.25 5.43
C GLN A 210 -17.72 -25.25 6.78
N ASP A 211 -16.44 -24.84 6.82
CA ASP A 211 -15.69 -24.78 8.05
C ASP A 211 -15.65 -23.36 8.62
N THR A 212 -16.43 -22.44 8.08
CA THR A 212 -16.48 -21.08 8.60
C THR A 212 -17.63 -20.96 9.57
N HIS A 213 -17.33 -20.51 10.78
CA HIS A 213 -18.30 -20.49 11.86
C HIS A 213 -18.14 -19.19 12.61
N GLN A 214 -19.26 -18.62 13.05
CA GLN A 214 -19.20 -17.40 13.85
C GLN A 214 -18.53 -17.70 15.18
N SER A 215 -17.54 -16.88 15.53
CA SER A 215 -16.67 -17.12 16.68
CA SER A 215 -16.73 -17.12 16.72
C SER A 215 -16.22 -15.77 17.23
N ARG A 216 -15.65 -15.82 18.45
CA ARG A 216 -15.21 -14.59 19.11
C ARG A 216 -13.96 -14.01 18.47
N PHE A 217 -13.93 -12.69 18.35
CA PHE A 217 -12.71 -11.96 18.06
C PHE A 217 -12.54 -10.98 19.21
N TYR A 218 -11.46 -11.14 19.97
CA TYR A 218 -11.24 -10.35 21.18
C TYR A 218 -10.65 -9.00 20.81
N LEU A 219 -11.45 -7.95 21.02
CA LEU A 219 -10.96 -6.58 20.85
C LEU A 219 -9.98 -6.21 21.93
N SER A 220 -10.20 -6.73 23.13
CA SER A 220 -9.31 -6.62 24.26
C SER A 220 -9.48 -7.90 25.07
N LYS A 221 -8.75 -8.02 26.17
CA LYS A 221 -8.83 -9.27 26.92
C LYS A 221 -10.24 -9.60 27.38
N LYS A 222 -11.08 -8.60 27.72
CA LYS A 222 -12.42 -8.90 28.22
C LYS A 222 -13.56 -8.41 27.34
N LYS A 223 -13.31 -8.05 26.09
CA LYS A 223 -14.37 -7.57 25.21
C LYS A 223 -14.17 -8.22 23.85
N TRP A 224 -15.26 -8.71 23.26
CA TRP A 224 -15.11 -9.35 21.96
C TRP A 224 -16.35 -9.10 21.13
N VAL A 225 -16.20 -9.35 19.84
CA VAL A 225 -17.28 -9.32 18.87
C VAL A 225 -17.33 -10.68 18.21
N MET A 226 -18.42 -10.98 17.52
CA MET A 226 -18.54 -12.24 16.81
C MET A 226 -18.22 -11.99 15.35
N VAL A 227 -17.37 -12.84 14.77
CA VAL A 227 -16.96 -12.71 13.37
C VAL A 227 -17.04 -14.08 12.71
N PRO A 228 -17.19 -14.14 11.39
CA PRO A 228 -17.09 -15.44 10.71
C PRO A 228 -15.63 -15.86 10.71
N MET A 229 -15.35 -17.00 11.31
CA MET A 229 -13.98 -17.46 11.50
C MET A 229 -13.77 -18.65 10.56
N MET A 230 -12.93 -18.46 9.56
CA MET A 230 -12.59 -19.54 8.64
C MET A 230 -11.57 -20.47 9.27
N SER A 231 -11.49 -21.71 8.78
CA SER A 231 -10.47 -22.58 9.36
C SER A 231 -9.92 -23.56 8.33
N LEU A 232 -8.67 -23.98 8.57
CA LEU A 232 -8.01 -25.05 7.82
C LEU A 232 -7.41 -26.02 8.82
N HIS A 233 -7.40 -27.30 8.45
CA HIS A 233 -6.99 -28.38 9.33
C HIS A 233 -5.76 -29.07 8.74
N HIS A 234 -4.79 -29.39 9.60
CA HIS A 234 -3.61 -30.19 9.22
C HIS A 234 -2.93 -29.60 8.00
N LEU A 235 -2.50 -28.35 8.18
CA LEU A 235 -2.03 -27.48 7.10
C LEU A 235 -0.52 -27.30 7.30
N THR A 236 0.27 -27.71 6.32
CA THR A 236 1.72 -27.54 6.41
C THR A 236 2.12 -26.25 5.72
N ILE A 237 2.56 -25.28 6.53
CA ILE A 237 2.92 -23.94 6.05
C ILE A 237 4.18 -23.46 6.76
N PRO A 238 4.80 -22.40 6.23
CA PRO A 238 5.96 -21.80 6.92
C PRO A 238 5.50 -21.11 8.19
N TYR A 239 6.23 -21.34 9.28
CA TYR A 239 5.80 -20.99 10.61
C TYR A 239 7.03 -20.54 11.40
N PHE A 240 6.86 -19.52 12.25
CA PHE A 240 7.97 -19.11 13.11
C PHE A 240 7.38 -18.57 14.40
N ARG A 241 7.75 -19.15 15.52
CA ARG A 241 7.40 -18.59 16.82
C ARG A 241 8.53 -17.64 17.20
N ASP A 242 8.23 -16.35 17.24
CA ASP A 242 9.24 -15.33 17.53
C ASP A 242 9.25 -15.07 19.03
N GLU A 243 10.22 -15.66 19.73
CA GLU A 243 10.28 -15.46 21.16
C GLU A 243 10.86 -14.10 21.54
N GLU A 244 11.57 -13.44 20.63
CA GLU A 244 12.10 -12.10 20.93
C GLU A 244 10.97 -11.09 21.04
N LEU A 245 9.95 -11.21 20.18
CA LEU A 245 8.86 -10.25 20.12
C LEU A 245 7.54 -10.80 20.62
N SER A 246 7.51 -12.05 21.07
CA SER A 246 6.30 -12.68 21.59
C SER A 246 5.18 -12.69 20.56
N CYS A 247 5.49 -13.20 19.37
CA CYS A 247 4.44 -13.29 18.36
C CYS A 247 4.66 -14.52 17.52
N THR A 248 3.62 -14.92 16.81
CA THR A 248 3.67 -16.07 15.91
C THR A 248 3.51 -15.57 14.48
N VAL A 249 4.37 -16.02 13.59
CA VAL A 249 4.38 -15.61 12.19
C VAL A 249 4.09 -16.83 11.34
N VAL A 250 3.14 -16.71 10.41
CA VAL A 250 2.91 -17.74 9.39
C VAL A 250 2.86 -17.06 8.04
N GLN A 251 3.19 -17.82 6.99
CA GLN A 251 3.10 -17.31 5.63
CA GLN A 251 3.10 -17.31 5.64
C GLN A 251 2.07 -18.15 4.91
N LEU A 252 1.09 -17.49 4.31
CA LEU A 252 0.12 -18.18 3.46
C LEU A 252 0.36 -17.74 2.03
N ASN A 253 0.29 -18.67 1.10
CA ASN A 253 0.57 -18.37 -0.28
C ASN A 253 -0.72 -18.16 -1.07
N TYR A 254 -0.62 -17.26 -2.04
CA TYR A 254 -1.59 -17.12 -3.11
C TYR A 254 -1.06 -17.87 -4.31
N THR A 255 -1.96 -18.30 -5.18
CA THR A 255 -1.53 -18.79 -6.48
CA THR A 255 -1.52 -18.79 -6.47
C THR A 255 -0.83 -17.65 -7.23
N GLY A 256 0.33 -17.94 -7.78
CA GLY A 256 1.14 -16.89 -8.34
C GLY A 256 2.32 -16.56 -7.44
N ASN A 257 2.85 -15.37 -7.62
CA ASN A 257 4.10 -15.01 -6.96
C ASN A 257 3.88 -14.29 -5.63
N ALA A 258 2.63 -14.17 -5.18
CA ALA A 258 2.35 -13.36 -4.01
C ALA A 258 2.06 -14.24 -2.81
N SER A 259 2.33 -13.70 -1.64
CA SER A 259 2.01 -14.41 -0.40
CA SER A 259 2.07 -14.40 -0.39
C SER A 259 1.72 -13.37 0.66
N VAL A 260 1.36 -13.85 1.84
CA VAL A 260 1.05 -12.92 2.91
C VAL A 260 1.66 -13.43 4.20
N PHE A 261 2.33 -12.53 4.93
CA PHE A 261 2.79 -12.79 6.28
C PHE A 261 1.67 -12.40 7.21
N PHE A 262 1.23 -13.32 8.05
CA PHE A 262 0.30 -13.01 9.12
C PHE A 262 1.08 -13.06 10.42
N ILE A 263 0.99 -12.00 11.22
CA ILE A 263 1.73 -11.92 12.48
C ILE A 263 0.72 -11.79 13.58
N LEU A 264 0.77 -12.71 14.54
CA LEU A 264 -0.17 -12.74 15.66
C LEU A 264 0.60 -12.43 16.94
N PRO A 265 0.60 -11.18 17.40
CA PRO A 265 1.22 -10.90 18.70
C PRO A 265 0.46 -11.61 19.79
N ASP A 266 1.19 -12.03 20.83
CA ASP A 266 0.49 -12.47 22.03
C ASP A 266 -0.34 -11.30 22.57
N GLN A 267 -1.31 -11.60 23.43
CA GLN A 267 -2.12 -10.52 24.00
C GLN A 267 -1.23 -9.48 24.69
N ASP A 268 -1.50 -8.21 24.40
CA ASP A 268 -0.76 -7.05 24.91
C ASP A 268 0.67 -7.00 24.38
N LYS A 269 0.96 -7.68 23.27
CA LYS A 269 2.26 -7.56 22.64
C LYS A 269 2.19 -6.88 21.28
N MET A 270 1.01 -6.41 20.85
CA MET A 270 0.95 -5.73 19.57
C MET A 270 1.86 -4.51 19.54
N GLU A 271 1.89 -3.73 20.62
CA GLU A 271 2.71 -2.53 20.60
C GLU A 271 4.19 -2.88 20.51
N GLU A 272 4.60 -3.98 21.16
CA GLU A 272 5.98 -4.43 21.07
C GLU A 272 6.34 -4.81 19.63
N VAL A 273 5.46 -5.56 18.97
CA VAL A 273 5.74 -5.94 17.59
C VAL A 273 5.80 -4.71 16.71
N GLU A 274 4.85 -3.80 16.87
CA GLU A 274 4.84 -2.58 16.06
C GLU A 274 6.11 -1.78 16.24
N ALA A 275 6.57 -1.66 17.48
CA ALA A 275 7.76 -0.89 17.78
C ALA A 275 8.98 -1.48 17.11
N MET A 276 8.97 -2.78 16.85
CA MET A 276 10.11 -3.47 16.26
C MET A 276 9.95 -3.74 14.77
N LEU A 277 8.85 -3.29 14.16
CA LEU A 277 8.72 -3.48 12.72
C LEU A 277 9.83 -2.72 12.00
N SER A 278 10.41 -3.37 11.01
CA SER A 278 11.53 -2.85 10.25
C SER A 278 11.86 -3.85 9.15
N ARG A 279 12.64 -3.40 8.20
CA ARG A 279 13.14 -4.26 7.18
C ARG A 279 13.94 -5.38 7.83
N GLU A 280 14.74 -5.06 8.83
CA GLU A 280 15.55 -6.06 9.52
C GLU A 280 14.67 -7.12 10.16
N THR A 281 13.58 -6.69 10.83
CA THR A 281 12.68 -7.64 11.46
C THR A 281 12.00 -8.51 10.42
N LEU A 282 11.51 -7.92 9.34
CA LEU A 282 10.86 -8.73 8.30
C LEU A 282 11.84 -9.74 7.72
N ALA A 283 13.10 -9.33 7.54
CA ALA A 283 14.09 -10.24 7.00
C ALA A 283 14.36 -11.38 7.97
N ARG A 284 14.43 -11.08 9.26
CA ARG A 284 14.60 -12.13 10.26
C ARG A 284 13.44 -13.10 10.23
N TRP A 285 12.20 -12.59 10.21
CA TRP A 285 11.04 -13.47 10.09
C TRP A 285 11.15 -14.38 8.86
N GLY A 286 11.41 -13.78 7.69
CA GLY A 286 11.50 -14.57 6.47
C GLY A 286 12.60 -15.62 6.53
N ASP A 287 13.72 -15.28 7.17
CA ASP A 287 14.85 -16.20 7.29
C ASP A 287 14.61 -17.29 8.31
N SER A 288 13.61 -17.13 9.17
CA SER A 288 13.43 -18.02 10.31
C SER A 288 12.24 -18.95 10.15
N LEU A 289 11.50 -18.86 9.05
CA LEU A 289 10.34 -19.71 8.86
C LEU A 289 10.78 -21.16 8.65
N GLU A 290 10.03 -22.09 9.24
CA GLU A 290 10.22 -23.51 8.99
C GLU A 290 8.85 -24.11 8.75
N PHE A 291 8.79 -25.15 7.92
CA PHE A 291 7.49 -25.77 7.70
CA PHE A 291 7.51 -25.83 7.67
C PHE A 291 7.02 -26.53 8.93
N ARG A 292 5.73 -26.40 9.22
CA ARG A 292 5.11 -27.05 10.36
C ARG A 292 3.71 -27.44 9.93
N GLU A 293 3.28 -28.65 10.32
CA GLU A 293 1.92 -29.07 10.06
C GLU A 293 1.08 -28.56 11.22
N ILE A 294 0.38 -27.45 10.96
CA ILE A 294 -0.47 -26.81 11.94
C ILE A 294 -1.71 -27.65 12.14
N GLY A 295 -2.10 -27.86 13.40
CA GLY A 295 -3.30 -28.63 13.67
C GLY A 295 -4.52 -27.95 13.11
N GLU A 296 -4.72 -26.68 13.49
CA GLU A 296 -5.81 -25.88 12.96
C GLU A 296 -5.33 -24.45 12.84
N LEU A 297 -5.72 -23.81 11.74
CA LEU A 297 -5.53 -22.37 11.56
CA LEU A 297 -5.54 -22.38 11.54
C LEU A 297 -6.90 -21.72 11.46
N TYR A 298 -7.13 -20.70 12.31
CA TYR A 298 -8.38 -19.95 12.33
C TYR A 298 -8.10 -18.52 11.90
N LEU A 299 -8.81 -18.05 10.87
CA LEU A 299 -8.61 -16.72 10.32
C LEU A 299 -9.96 -16.06 10.02
N PRO A 300 -10.20 -14.83 10.47
CA PRO A 300 -11.50 -14.23 10.20
C PRO A 300 -11.69 -13.92 8.72
N LYS A 301 -12.94 -14.06 8.30
CA LYS A 301 -13.42 -13.46 7.05
C LYS A 301 -13.82 -12.02 7.34
N PHE A 302 -13.26 -11.06 6.60
CA PHE A 302 -13.50 -9.67 6.98
C PHE A 302 -13.18 -8.75 5.82
N SER A 303 -13.65 -7.51 5.94
CA SER A 303 -13.32 -6.47 4.99
C SER A 303 -13.13 -5.19 5.78
N ILE A 304 -12.03 -4.50 5.53
CA ILE A 304 -11.77 -3.24 6.21
C ILE A 304 -11.33 -2.20 5.17
N SER A 305 -11.51 -0.95 5.55
CA SER A 305 -11.15 0.15 4.66
CA SER A 305 -11.18 0.17 4.67
C SER A 305 -10.68 1.32 5.51
N ARG A 306 -9.75 2.09 4.96
CA ARG A 306 -9.26 3.26 5.59
C ARG A 306 -8.93 4.35 4.56
N ASP A 307 -9.09 5.59 4.94
CA ASP A 307 -8.62 6.66 4.08
C ASP A 307 -7.84 7.64 4.92
N TYR A 308 -6.88 8.30 4.26
CA TYR A 308 -5.87 9.08 4.95
C TYR A 308 -5.60 10.38 4.20
N ASN A 309 -5.32 11.42 4.99
CA ASN A 309 -4.65 12.62 4.51
C ASN A 309 -3.20 12.49 4.95
N LEU A 310 -2.30 12.29 3.98
CA LEU A 310 -0.93 11.96 4.32
C LEU A 310 -0.04 13.18 4.54
N ASN A 311 -0.58 14.41 4.52
CA ASN A 311 0.31 15.56 4.65
C ASN A 311 1.15 15.50 5.93
N ASP A 312 0.53 15.25 7.07
CA ASP A 312 1.26 15.25 8.30
C ASP A 312 2.35 14.22 8.33
N ILE A 313 2.08 13.04 7.85
CA ILE A 313 3.09 11.99 7.88
C ILE A 313 4.23 12.32 6.93
N LEU A 314 3.92 12.83 5.73
CA LEU A 314 4.98 13.13 4.78
C LEU A 314 5.85 14.28 5.29
N LEU A 315 5.25 15.22 6.00
CA LEU A 315 6.04 16.27 6.59
C LEU A 315 6.94 15.68 7.67
N GLN A 316 6.43 14.74 8.45
CA GLN A 316 7.24 14.09 9.48
C GLN A 316 8.40 13.33 8.86
N LEU A 317 8.21 12.76 7.68
CA LEU A 317 9.28 12.08 6.96
C LEU A 317 10.17 13.05 6.19
N GLY A 318 9.97 14.35 6.36
CA GLY A 318 10.90 15.33 5.84
C GLY A 318 10.55 15.89 4.48
N ILE A 319 9.40 15.53 3.94
CA ILE A 319 8.93 16.05 2.66
C ILE A 319 8.16 17.33 2.99
N GLU A 320 8.87 18.45 2.91
CA GLU A 320 8.33 19.72 3.40
C GLU A 320 8.17 20.75 2.30
N GLU A 321 9.23 20.98 1.51
CA GLU A 321 9.21 22.10 0.60
C GLU A 321 8.12 21.96 -0.46
N ALA A 322 7.78 20.72 -0.84
CA ALA A 322 6.74 20.55 -1.85
C ALA A 322 5.41 21.15 -1.44
N PHE A 323 5.18 21.30 -0.12
CA PHE A 323 3.94 21.82 0.42
C PHE A 323 3.95 23.32 0.66
N THR A 324 5.09 23.97 0.56
CA THR A 324 5.19 25.37 0.93
C THR A 324 5.26 26.28 -0.28
N SER A 325 5.29 27.59 -0.02
CA SER A 325 5.47 28.52 -1.12
C SER A 325 6.91 28.54 -1.63
N LYS A 326 7.81 27.75 -1.02
CA LYS A 326 9.15 27.50 -1.57
C LYS A 326 9.20 26.30 -2.51
N ALA A 327 8.05 25.68 -2.80
CA ALA A 327 8.03 24.47 -3.62
C ALA A 327 8.71 24.69 -4.96
N ASP A 328 9.45 23.66 -5.41
CA ASP A 328 10.09 23.72 -6.72
C ASP A 328 9.62 22.50 -7.50
N LEU A 329 8.54 22.70 -8.25
CA LEU A 329 8.05 21.70 -9.19
C LEU A 329 8.28 22.16 -10.62
N SER A 330 9.39 22.87 -10.84
CA SER A 330 9.62 23.47 -12.15
C SER A 330 9.94 22.43 -13.22
N GLY A 331 10.18 21.17 -12.86
CA GLY A 331 10.30 20.17 -13.90
C GLY A 331 8.98 19.80 -14.55
N ILE A 332 7.86 20.26 -13.97
CA ILE A 332 6.56 20.05 -14.59
C ILE A 332 6.32 21.09 -15.69
N THR A 333 6.56 22.36 -15.37
CA THR A 333 6.13 23.46 -16.21
C THR A 333 7.27 24.31 -16.75
N GLY A 334 8.47 24.19 -16.20
CA GLY A 334 9.57 25.09 -16.51
C GLY A 334 9.68 26.27 -15.59
N ALA A 335 8.71 26.47 -14.69
CA ALA A 335 8.67 27.58 -13.75
C ALA A 335 8.31 27.06 -12.37
N ARG A 336 8.64 27.84 -11.34
CA ARG A 336 8.27 27.49 -9.96
C ARG A 336 6.87 28.03 -9.68
N ASN A 337 5.88 27.43 -10.34
CA ASN A 337 4.53 27.95 -10.28
C ASN A 337 3.52 26.93 -9.78
N LEU A 338 3.98 25.83 -9.18
CA LEU A 338 3.10 24.80 -8.64
C LEU A 338 3.54 24.37 -7.25
N ALA A 339 2.57 24.00 -6.40
CA ALA A 339 2.86 23.44 -5.08
C ALA A 339 1.81 22.39 -4.73
N VAL A 340 2.24 21.38 -3.97
CA VAL A 340 1.31 20.35 -3.49
C VAL A 340 0.40 20.95 -2.43
N SER A 341 -0.88 20.62 -2.52
CA SER A 341 -1.85 20.95 -1.47
C SER A 341 -2.12 19.78 -0.55
N GLN A 342 -2.37 18.60 -1.11
CA GLN A 342 -2.68 17.44 -0.30
C GLN A 342 -2.18 16.19 -0.97
N VAL A 343 -1.83 15.18 -0.16
CA VAL A 343 -1.64 13.82 -0.65
C VAL A 343 -2.65 12.96 0.10
N VAL A 344 -3.49 12.23 -0.63
CA VAL A 344 -4.52 11.42 0.00
C VAL A 344 -4.35 9.97 -0.44
N HIS A 345 -4.84 9.06 0.41
CA HIS A 345 -4.72 7.63 0.13
C HIS A 345 -5.97 6.95 0.63
N LYS A 346 -6.46 5.96 -0.10
CA LYS A 346 -7.54 5.12 0.39
C LYS A 346 -7.22 3.68 0.04
N ALA A 347 -7.57 2.75 0.94
CA ALA A 347 -7.25 1.36 0.70
C ALA A 347 -8.34 0.49 1.30
N VAL A 348 -8.57 -0.65 0.66
CA VAL A 348 -9.59 -1.62 1.07
CA VAL A 348 -9.58 -1.62 1.09
C VAL A 348 -8.98 -3.01 1.04
N LEU A 349 -9.35 -3.84 2.02
CA LEU A 349 -8.84 -5.20 2.11
C LEU A 349 -10.01 -6.13 2.40
N ASP A 350 -10.17 -7.16 1.58
CA ASP A 350 -11.25 -8.14 1.75
C ASP A 350 -10.59 -9.52 1.79
N VAL A 351 -10.81 -10.28 2.89
CA VAL A 351 -10.22 -11.61 3.08
C VAL A 351 -11.38 -12.58 3.23
N PHE A 352 -11.37 -13.66 2.44
CA PHE A 352 -12.53 -14.57 2.42
C PHE A 352 -12.03 -15.97 2.05
N GLU A 353 -12.96 -16.93 1.87
CA GLU A 353 -12.50 -18.32 1.83
C GLU A 353 -11.68 -18.62 0.60
N GLU A 354 -12.03 -18.01 -0.53
CA GLU A 354 -11.38 -18.29 -1.80
C GLU A 354 -10.06 -17.54 -1.98
N GLY A 355 -9.86 -16.44 -1.27
CA GLY A 355 -8.65 -15.67 -1.51
C GLY A 355 -8.74 -14.30 -0.87
N THR A 356 -8.18 -13.31 -1.56
CA THR A 356 -8.09 -11.96 -1.03
C THR A 356 -8.28 -10.97 -2.18
N GLU A 357 -8.98 -9.88 -1.89
CA GLU A 357 -9.07 -8.75 -2.82
CA GLU A 357 -9.06 -8.76 -2.83
C GLU A 357 -8.62 -7.52 -2.07
N ALA A 358 -7.68 -6.79 -2.63
CA ALA A 358 -7.24 -5.58 -1.96
C ALA A 358 -6.97 -4.53 -3.03
N SER A 359 -7.23 -3.29 -2.71
CA SER A 359 -7.04 -2.21 -3.68
CA SER A 359 -6.95 -2.25 -3.68
C SER A 359 -6.66 -0.96 -2.94
N ALA A 360 -6.01 -0.04 -3.64
CA ALA A 360 -5.70 1.23 -3.01
C ALA A 360 -5.47 2.27 -4.10
N ALA A 361 -5.49 3.52 -3.69
CA ALA A 361 -5.16 4.59 -4.62
C ALA A 361 -4.59 5.75 -3.84
N THR A 362 -3.74 6.53 -4.53
CA THR A 362 -3.09 7.69 -3.93
C THR A 362 -3.28 8.85 -4.90
N ALA A 363 -3.61 10.02 -4.38
CA ALA A 363 -3.66 11.21 -5.22
C ALA A 363 -2.83 12.32 -4.62
N VAL A 364 -2.13 13.04 -5.50
CA VAL A 364 -1.35 14.23 -5.14
C VAL A 364 -2.05 15.40 -5.79
N LYS A 365 -2.60 16.30 -4.99
CA LYS A 365 -3.33 17.46 -5.49
C LYS A 365 -2.38 18.65 -5.51
N ILE A 366 -2.38 19.39 -6.61
CA ILE A 366 -1.37 20.42 -6.87
C ILE A 366 -2.07 21.71 -7.28
N THR A 367 -1.66 22.83 -6.69
CA THR A 367 -2.21 24.15 -6.98
C THR A 367 -1.15 25.04 -7.59
N LEU A 368 -1.61 26.21 -8.05
CA LEU A 368 -0.71 27.25 -8.47
C LEU A 368 0.05 27.79 -7.25
N LEU A 369 1.23 28.33 -7.53
CA LEU A 369 2.03 29.03 -6.56
C LEU A 369 2.07 30.47 -7.05
N THR B 6 0.98 -32.47 21.02
CA THR B 6 -0.24 -31.89 20.49
C THR B 6 0.12 -30.81 19.45
N ARG B 7 -0.63 -30.78 18.35
CA ARG B 7 -0.23 -29.91 17.23
C ARG B 7 -0.51 -28.46 17.57
N THR B 8 0.31 -27.58 16.96
CA THR B 8 0.15 -26.15 17.17
C THR B 8 -1.17 -25.67 16.58
N ILE B 9 -1.87 -24.82 17.32
CA ILE B 9 -3.06 -24.13 16.84
C ILE B 9 -2.67 -22.67 16.62
N VAL B 10 -3.01 -22.11 15.46
CA VAL B 10 -2.79 -20.69 15.22
C VAL B 10 -4.16 -20.06 15.03
N ARG B 11 -4.57 -19.24 15.99
CA ARG B 11 -5.95 -18.76 16.07
C ARG B 11 -5.97 -17.23 16.06
N PHE B 12 -6.35 -16.63 14.92
CA PHE B 12 -6.31 -15.18 14.74
C PHE B 12 -7.60 -14.58 15.28
N ASN B 13 -7.75 -14.67 16.60
CA ASN B 13 -8.94 -14.13 17.29
C ASN B 13 -8.59 -12.97 18.22
N ARG B 14 -7.53 -12.24 17.89
CA ARG B 14 -7.16 -11.00 18.54
C ARG B 14 -6.39 -10.19 17.50
N PRO B 15 -6.11 -8.92 17.78
CA PRO B 15 -5.49 -8.07 16.74
C PRO B 15 -4.22 -8.67 16.15
N PHE B 16 -4.07 -8.50 14.85
CA PHE B 16 -2.98 -9.13 14.12
C PHE B 16 -2.56 -8.24 12.97
N LEU B 17 -1.42 -8.57 12.39
CA LEU B 17 -0.87 -7.85 11.24
C LEU B 17 -0.90 -8.72 10.00
N MET B 18 -0.97 -8.06 8.83
CA MET B 18 -0.91 -8.73 7.54
CA MET B 18 -0.95 -8.72 7.53
C MET B 18 -0.01 -7.94 6.62
N ILE B 19 0.91 -8.62 5.96
CA ILE B 19 1.82 -7.97 5.03
C ILE B 19 1.75 -8.77 3.75
N ILE B 20 1.15 -8.20 2.71
CA ILE B 20 1.01 -8.88 1.43
C ILE B 20 2.22 -8.51 0.59
N VAL B 21 2.97 -9.54 0.15
CA VAL B 21 4.27 -9.34 -0.49
C VAL B 21 4.31 -10.06 -1.84
N ASP B 22 5.16 -9.54 -2.70
CA ASP B 22 5.42 -10.15 -4.00
C ASP B 22 6.78 -10.81 -3.93
N HIS B 23 6.83 -12.12 -4.20
CA HIS B 23 8.13 -12.79 -4.19
C HIS B 23 9.00 -12.39 -5.37
N PHE B 24 8.40 -11.93 -6.46
CA PHE B 24 9.24 -11.58 -7.60
C PHE B 24 9.95 -10.25 -7.38
N THR B 25 9.20 -9.19 -7.07
CA THR B 25 9.78 -7.86 -6.94
C THR B 25 10.13 -7.47 -5.50
N TRP B 26 9.76 -8.30 -4.52
CA TRP B 26 9.87 -7.97 -3.09
C TRP B 26 9.12 -6.70 -2.72
N SER B 27 8.10 -6.35 -3.50
CA SER B 27 7.24 -5.24 -3.11
C SER B 27 6.34 -5.66 -1.97
N ILE B 28 6.04 -4.70 -1.12
CA ILE B 28 4.95 -4.83 -0.17
C ILE B 28 3.75 -4.16 -0.82
N PHE B 29 2.81 -4.99 -1.26
CA PHE B 29 1.62 -4.47 -1.92
C PHE B 29 0.68 -3.81 -0.91
N PHE B 30 0.49 -4.45 0.24
CA PHE B 30 -0.41 -3.92 1.26
C PHE B 30 0.14 -4.28 2.62
N MET B 31 -0.11 -3.39 3.57
CA MET B 31 0.20 -3.62 4.97
CA MET B 31 0.19 -3.63 4.98
C MET B 31 -1.06 -3.32 5.77
N SER B 32 -1.36 -4.15 6.75
CA SER B 32 -2.58 -3.96 7.52
C SER B 32 -2.38 -4.35 8.97
N LYS B 33 -3.09 -3.64 9.84
CA LYS B 33 -3.36 -4.10 11.20
C LYS B 33 -4.86 -4.25 11.36
N VAL B 34 -5.31 -5.42 11.77
CA VAL B 34 -6.73 -5.67 12.01
C VAL B 34 -6.92 -5.64 13.52
N THR B 35 -7.43 -4.53 14.05
CA THR B 35 -7.78 -4.46 15.47
C THR B 35 -9.23 -4.80 15.72
N ASN B 36 -10.08 -4.62 14.71
CA ASN B 36 -11.49 -4.99 14.83
C ASN B 36 -12.03 -5.25 13.43
N PRO B 37 -12.25 -6.52 13.07
CA PRO B 37 -12.73 -6.82 11.71
C PRO B 37 -14.07 -6.17 11.38
N LYS B 38 -14.88 -5.82 12.37
CA LYS B 38 -16.13 -5.09 12.17
C LYS B 38 -16.06 -3.65 12.63
N GLN B 39 -14.88 -3.04 12.66
CA GLN B 39 -14.75 -1.68 13.16
C GLN B 39 -15.49 -0.72 12.24
N ALA B 40 -16.29 0.17 12.83
CA ALA B 40 -17.02 1.17 12.08
C ALA B 40 -16.07 2.17 11.44
C1 C0R C . 14.64 -8.25 2.42
C2 C0R C . 15.29 -6.88 2.34
C3 C0R C . 14.71 -6.10 1.20
C4 C0R C . 13.27 -6.20 1.04
C5 C0R C . 12.52 -7.03 1.77
C6 C0R C . 11.04 -6.98 1.66
C7 C0R C . 10.46 -8.21 1.00
C8 C0R C . 10.97 -9.43 1.70
C9 C0R C . 12.52 -9.41 1.71
C10 C0R C . 13.09 -8.19 2.47
C11 C0R C . 13.20 -10.75 2.14
C12 C0R C . 12.57 -11.97 1.44
C13 C0R C . 11.04 -11.93 1.48
C14 C0R C . 10.56 -10.61 0.88
C15 C0R C . 9.06 -10.83 0.69
C16 C0R C . 8.92 -12.32 0.40
C17 C0R C . 10.34 -12.91 0.48
C18 C0R C . 10.48 -12.15 2.91
C19 C0R C . 12.60 -8.06 3.92
C20 C0R C . 10.28 -14.36 0.90
C21 C0R C . 11.41 -15.26 0.42
O1 C0R C . 15.40 -5.42 0.47
O2 C0R C . 13.20 -10.90 3.53
O3 C0R C . 9.40 -14.87 1.56
O4 C0R C . 10.88 -16.56 0.57
#